data_5VFW
#
_entry.id   5VFW
#
_entity_poly.entity_id   1
_entity_poly.type   'polypeptide(L)'
_entity_poly.pdbx_seq_one_letter_code
;AMVSEFLKQAWFIENEEQEYVQTVK
;
_entity_poly.pdbx_strand_id   A
#
# COMPACT_ATOMS: atom_id res chain seq x y z
N ALA A 1 15.21 18.07 0.44
CA ALA A 1 13.92 17.84 -0.19
C ALA A 1 13.01 17.00 0.70
N MET A 2 11.71 17.10 0.46
CA MET A 2 10.73 16.35 1.25
C MET A 2 10.01 15.31 0.39
N VAL A 3 10.21 14.04 0.72
CA VAL A 3 9.58 12.96 -0.03
C VAL A 3 8.24 12.56 0.59
N SER A 4 7.35 12.04 -0.24
CA SER A 4 6.03 11.63 0.23
C SER A 4 5.75 10.18 -0.15
N GLU A 5 6.68 9.28 0.20
CA GLU A 5 6.53 7.86 -0.09
C GLU A 5 5.38 7.26 0.71
N PHE A 6 5.21 7.73 1.93
CA PHE A 6 4.15 7.23 2.81
C PHE A 6 2.83 7.94 2.52
N LEU A 7 2.92 9.21 2.12
CA LEU A 7 1.73 9.99 1.81
C LEU A 7 1.18 9.65 0.42
N LYS A 8 2.08 9.18 -0.45
CA LYS A 8 1.70 8.82 -1.80
C LYS A 8 0.87 7.54 -1.82
N GLN A 9 0.71 6.94 -0.65
CA GLN A 9 -0.06 5.70 -0.52
C GLN A 9 -1.03 5.78 0.66
N ALA A 10 -0.64 6.51 1.70
CA ALA A 10 -1.48 6.66 2.88
C ALA A 10 -2.92 6.95 2.50
N TRP A 11 -3.10 7.71 1.43
CA TRP A 11 -4.44 8.06 0.96
C TRP A 11 -4.88 7.13 -0.16
N PHE A 12 -3.91 6.58 -0.89
CA PHE A 12 -4.21 5.67 -2.00
C PHE A 12 -3.74 4.26 -1.67
N ILE A 13 -4.70 3.36 -1.45
CA ILE A 13 -4.38 1.96 -1.14
C ILE A 13 -5.22 1.01 -1.98
N GLU A 14 -4.57 0.32 -2.90
CA GLU A 14 -5.25 -0.64 -3.77
C GLU A 14 -5.24 -2.04 -3.16
N ASN A 15 -6.37 -2.73 -3.26
CA ASN A 15 -6.49 -4.08 -2.72
C ASN A 15 -5.36 -4.98 -3.25
N GLU A 16 -4.99 -4.78 -4.50
CA GLU A 16 -3.93 -5.56 -5.13
C GLU A 16 -2.61 -5.37 -4.39
N GLU A 17 -2.34 -4.15 -3.98
CA GLU A 17 -1.10 -3.83 -3.27
C GLU A 17 -1.38 -3.56 -1.80
N GLN A 18 -2.35 -4.28 -1.23
CA GLN A 18 -2.71 -4.11 0.16
C GLN A 18 -1.98 -5.11 1.05
N GLU A 19 -2.03 -4.89 2.36
CA GLU A 19 -1.37 -5.77 3.30
C GLU A 19 -2.26 -6.96 3.66
N TYR A 20 -1.81 -8.16 3.32
CA TYR A 20 -2.57 -9.38 3.61
C TYR A 20 -1.68 -10.61 3.48
N VAL A 21 -1.91 -11.59 4.36
CA VAL A 21 -1.14 -12.82 4.35
C VAL A 21 -1.65 -13.78 3.29
N GLN A 22 -0.74 -14.56 2.72
CA GLN A 22 -1.10 -15.52 1.68
C GLN A 22 -1.85 -16.71 2.27
N THR A 23 -3.04 -16.97 1.76
CA THR A 23 -3.86 -18.08 2.24
C THR A 23 -4.04 -19.13 1.17
N VAL A 24 -3.70 -20.38 1.49
CA VAL A 24 -3.83 -21.48 0.56
C VAL A 24 -5.27 -21.67 0.12
N LYS A 25 -5.48 -22.54 -0.86
CA LYS A 25 -6.82 -22.81 -1.37
C LYS A 25 -7.24 -24.24 -1.05
N ALA A 1 12.96 21.06 -0.95
CA ALA A 1 11.53 20.81 -1.01
C ALA A 1 11.15 19.59 -0.17
N MET A 2 9.86 19.36 -0.02
CA MET A 2 9.37 18.23 0.77
C MET A 2 8.65 17.22 -0.13
N VAL A 3 9.21 16.03 -0.24
CA VAL A 3 8.62 14.97 -1.07
C VAL A 3 7.68 14.10 -0.25
N SER A 4 6.67 13.55 -0.90
CA SER A 4 5.69 12.69 -0.24
C SER A 4 5.55 11.36 -0.97
N GLU A 5 6.67 10.70 -1.22
CA GLU A 5 6.67 9.42 -1.91
C GLU A 5 6.02 8.34 -1.06
N PHE A 6 6.22 8.43 0.25
CA PHE A 6 5.64 7.45 1.18
C PHE A 6 4.21 7.83 1.54
N LEU A 7 3.93 9.13 1.57
CA LEU A 7 2.60 9.61 1.91
C LEU A 7 1.66 9.51 0.70
N LYS A 8 2.24 9.53 -0.50
CA LYS A 8 1.46 9.43 -1.73
C LYS A 8 0.92 8.02 -1.91
N GLN A 9 1.29 7.12 -1.00
CA GLN A 9 0.83 5.73 -1.08
C GLN A 9 0.36 5.24 0.29
N ALA A 10 0.98 5.77 1.35
CA ALA A 10 0.61 5.39 2.71
C ALA A 10 -0.90 5.36 2.88
N TRP A 11 -1.59 6.29 2.22
CA TRP A 11 -3.04 6.37 2.31
C TRP A 11 -3.70 5.67 1.12
N PHE A 12 -2.98 5.60 0.01
CA PHE A 12 -3.49 4.96 -1.19
C PHE A 12 -2.71 3.68 -1.51
N ILE A 13 -3.35 2.54 -1.33
CA ILE A 13 -2.72 1.25 -1.59
C ILE A 13 -3.63 0.35 -2.41
N GLU A 14 -3.07 -0.26 -3.45
CA GLU A 14 -3.84 -1.15 -4.31
C GLU A 14 -4.03 -2.51 -3.65
N ASN A 15 -5.10 -3.20 -4.04
CA ASN A 15 -5.41 -4.52 -3.49
C ASN A 15 -4.22 -5.47 -3.63
N GLU A 16 -3.50 -5.34 -4.75
CA GLU A 16 -2.34 -6.18 -5.01
C GLU A 16 -1.29 -6.03 -3.91
N GLU A 17 -1.15 -4.80 -3.40
CA GLU A 17 -0.18 -4.52 -2.36
C GLU A 17 -0.89 -4.20 -1.04
N GLN A 18 -2.01 -4.87 -0.80
CA GLN A 18 -2.79 -4.65 0.42
C GLN A 18 -2.47 -5.72 1.47
N GLU A 19 -2.90 -5.47 2.70
CA GLU A 19 -2.65 -6.41 3.79
C GLU A 19 -3.64 -7.57 3.74
N TYR A 20 -3.12 -8.79 3.59
CA TYR A 20 -3.95 -9.98 3.52
C TYR A 20 -3.16 -11.22 3.93
N VAL A 21 -3.79 -12.08 4.73
CA VAL A 21 -3.14 -13.30 5.19
C VAL A 21 -3.27 -14.40 4.16
N GLN A 22 -2.26 -15.28 4.11
CA GLN A 22 -2.25 -16.39 3.16
C GLN A 22 -3.41 -17.34 3.43
N THR A 23 -4.35 -17.39 2.48
CA THR A 23 -5.51 -18.27 2.61
C THR A 23 -5.50 -19.36 1.55
N VAL A 24 -6.08 -20.50 1.88
CA VAL A 24 -6.14 -21.63 0.96
C VAL A 24 -6.80 -21.23 -0.35
N LYS A 25 -6.41 -21.89 -1.44
CA LYS A 25 -6.97 -21.61 -2.75
C LYS A 25 -7.34 -22.90 -3.47
N ALA A 1 13.84 21.94 0.84
CA ALA A 1 12.39 21.88 0.64
C ALA A 1 11.77 20.74 1.42
N MET A 2 10.44 20.62 1.35
CA MET A 2 9.72 19.57 2.06
C MET A 2 9.09 18.60 1.07
N VAL A 3 9.57 17.37 1.08
CA VAL A 3 9.05 16.33 0.19
C VAL A 3 7.94 15.55 0.86
N SER A 4 6.96 15.12 0.07
CA SER A 4 5.83 14.36 0.59
C SER A 4 5.72 13.00 -0.10
N GLU A 5 6.83 12.26 -0.12
CA GLU A 5 6.87 10.95 -0.75
C GLU A 5 6.00 9.95 0.02
N PHE A 6 5.98 10.10 1.34
CA PHE A 6 5.19 9.21 2.19
C PHE A 6 3.74 9.68 2.28
N LEU A 7 3.54 10.99 2.19
CA LEU A 7 2.20 11.57 2.26
C LEU A 7 1.49 11.45 0.91
N LYS A 8 2.27 11.38 -0.15
CA LYS A 8 1.72 11.26 -1.50
C LYS A 8 1.13 9.88 -1.73
N GLN A 9 1.27 9.01 -0.73
CA GLN A 9 0.75 7.65 -0.82
C GLN A 9 0.02 7.26 0.46
N ALA A 10 0.46 7.80 1.58
CA ALA A 10 -0.16 7.52 2.86
C ALA A 10 -1.68 7.58 2.77
N TRP A 11 -2.17 8.52 1.96
CA TRP A 11 -3.62 8.68 1.78
C TRP A 11 -4.09 7.96 0.52
N PHE A 12 -3.19 7.79 -0.43
CA PHE A 12 -3.52 7.11 -1.68
C PHE A 12 -2.78 5.78 -1.80
N ILE A 13 -3.53 4.68 -1.69
CA ILE A 13 -2.94 3.36 -1.78
C ILE A 13 -3.74 2.46 -2.72
N GLU A 14 -3.05 1.84 -3.68
CA GLU A 14 -3.71 0.95 -4.64
C GLU A 14 -3.84 -0.45 -4.07
N ASN A 15 -4.90 -1.15 -4.48
CA ASN A 15 -5.13 -2.52 -4.02
C ASN A 15 -4.70 -3.53 -5.07
N GLU A 16 -3.58 -3.25 -5.73
CA GLU A 16 -3.06 -4.14 -6.76
C GLU A 16 -2.02 -5.08 -6.18
N GLU A 17 -1.19 -4.55 -5.28
CA GLU A 17 -0.14 -5.35 -4.65
C GLU A 17 -0.54 -5.76 -3.24
N GLN A 18 -1.83 -6.03 -3.05
CA GLN A 18 -2.34 -6.42 -1.74
C GLN A 18 -1.98 -7.87 -1.44
N GLU A 19 -1.28 -8.08 -0.33
CA GLU A 19 -0.87 -9.43 0.07
C GLU A 19 -2.04 -10.20 0.66
N TYR A 20 -2.22 -11.43 0.20
CA TYR A 20 -3.32 -12.27 0.67
C TYR A 20 -2.90 -13.74 0.66
N VAL A 21 -3.20 -14.45 1.76
CA VAL A 21 -2.87 -15.86 1.87
C VAL A 21 -3.91 -16.72 1.19
N GLN A 22 -3.48 -17.86 0.64
CA GLN A 22 -4.38 -18.77 -0.04
C GLN A 22 -4.84 -19.89 0.91
N THR A 23 -6.15 -19.98 1.11
CA THR A 23 -6.71 -21.00 1.98
C THR A 23 -7.10 -22.25 1.20
N VAL A 24 -6.60 -23.39 1.64
CA VAL A 24 -6.88 -24.66 0.99
C VAL A 24 -7.58 -25.63 1.93
N LYS A 25 -7.20 -25.59 3.20
CA LYS A 25 -7.79 -26.46 4.21
C LYS A 25 -9.20 -26.00 4.57
N ALA A 1 9.82 24.48 0.51
CA ALA A 1 8.44 24.00 0.56
C ALA A 1 8.36 22.63 1.23
N MET A 2 7.14 22.15 1.43
CA MET A 2 6.93 20.85 2.06
C MET A 2 6.34 19.85 1.06
N VAL A 3 7.13 18.83 0.73
CA VAL A 3 6.69 17.80 -0.21
C VAL A 3 6.01 16.66 0.51
N SER A 4 5.04 16.02 -0.16
CA SER A 4 4.31 14.91 0.42
C SER A 4 4.56 13.62 -0.37
N GLU A 5 5.84 13.31 -0.56
CA GLU A 5 6.21 12.10 -1.30
C GLU A 5 5.84 10.85 -0.52
N PHE A 6 5.94 10.92 0.81
CA PHE A 6 5.61 9.79 1.66
C PHE A 6 4.11 9.75 1.95
N LEU A 7 3.49 10.92 1.99
CA LEU A 7 2.06 11.01 2.27
C LEU A 7 1.24 10.72 1.01
N LYS A 8 1.86 10.95 -0.15
CA LYS A 8 1.20 10.71 -1.43
C LYS A 8 1.07 9.20 -1.69
N GLN A 9 1.62 8.40 -0.80
CA GLN A 9 1.56 6.95 -0.94
C GLN A 9 1.17 6.29 0.38
N ALA A 10 1.56 6.91 1.49
CA ALA A 10 1.25 6.38 2.81
C ALA A 10 -0.21 5.94 2.90
N TRP A 11 -1.08 6.68 2.22
CA TRP A 11 -2.51 6.36 2.22
C TRP A 11 -2.89 5.56 0.97
N PHE A 12 -2.12 5.75 -0.09
CA PHE A 12 -2.37 5.04 -1.34
C PHE A 12 -1.26 4.05 -1.65
N ILE A 13 -1.58 2.76 -1.55
CA ILE A 13 -0.61 1.70 -1.81
C ILE A 13 -1.20 0.64 -2.71
N GLU A 14 -0.34 0.00 -3.52
CA GLU A 14 -0.77 -1.04 -4.43
C GLU A 14 -0.97 -2.37 -3.69
N ASN A 15 -1.64 -3.31 -4.34
CA ASN A 15 -1.90 -4.62 -3.75
C ASN A 15 -1.53 -5.73 -4.72
N GLU A 16 -0.46 -5.52 -5.48
CA GLU A 16 -0.01 -6.52 -6.45
C GLU A 16 1.10 -7.38 -5.86
N GLU A 17 2.01 -6.75 -5.12
CA GLU A 17 3.12 -7.46 -4.50
C GLU A 17 2.95 -7.53 -2.99
N GLN A 18 1.70 -7.66 -2.54
CA GLN A 18 1.40 -7.74 -1.12
C GLN A 18 1.18 -9.18 -0.69
N GLU A 19 1.46 -9.47 0.58
CA GLU A 19 1.29 -10.81 1.12
C GLU A 19 -0.07 -10.97 1.77
N TYR A 20 -0.81 -11.99 1.36
CA TYR A 20 -2.14 -12.26 1.91
C TYR A 20 -2.50 -13.73 1.80
N VAL A 21 -3.08 -14.27 2.86
CA VAL A 21 -3.48 -15.68 2.88
C VAL A 21 -4.87 -15.86 2.28
N GLN A 22 -5.05 -16.93 1.52
CA GLN A 22 -6.33 -17.23 0.89
C GLN A 22 -7.32 -17.78 1.91
N THR A 23 -8.57 -17.36 1.81
CA THR A 23 -9.62 -17.81 2.72
C THR A 23 -9.89 -19.30 2.53
N VAL A 24 -9.31 -20.12 3.40
CA VAL A 24 -9.49 -21.57 3.32
C VAL A 24 -10.97 -21.93 3.36
N LYS A 25 -11.29 -23.18 3.05
CA LYS A 25 -12.66 -23.66 3.04
C LYS A 25 -12.79 -24.95 3.85
N ALA A 1 12.42 22.72 -3.37
CA ALA A 1 11.04 22.37 -3.70
C ALA A 1 10.40 21.55 -2.57
N MET A 2 9.14 21.19 -2.76
CA MET A 2 8.41 20.42 -1.77
C MET A 2 8.10 19.03 -2.29
N VAL A 3 8.71 18.01 -1.68
CA VAL A 3 8.49 16.63 -2.08
C VAL A 3 7.32 16.02 -1.33
N SER A 4 6.58 15.15 -2.01
CA SER A 4 5.42 14.50 -1.42
C SER A 4 5.62 12.99 -1.36
N GLU A 5 6.74 12.56 -0.80
CA GLU A 5 7.06 11.15 -0.69
C GLU A 5 6.11 10.46 0.29
N PHE A 6 5.72 11.18 1.33
CA PHE A 6 4.81 10.63 2.33
C PHE A 6 3.35 10.79 1.90
N LEU A 7 3.08 11.85 1.15
CA LEU A 7 1.73 12.11 0.67
C LEU A 7 1.41 11.26 -0.56
N LYS A 8 2.45 10.87 -1.28
CA LYS A 8 2.29 10.05 -2.47
C LYS A 8 1.90 8.61 -2.10
N GLN A 9 1.84 8.34 -0.80
CA GLN A 9 1.47 7.02 -0.31
C GLN A 9 0.46 7.11 0.82
N ALA A 10 0.55 8.18 1.60
CA ALA A 10 -0.38 8.40 2.71
C ALA A 10 -1.81 8.10 2.30
N TRP A 11 -2.15 8.45 1.06
CA TRP A 11 -3.49 8.22 0.55
C TRP A 11 -3.57 6.92 -0.25
N PHE A 12 -2.43 6.52 -0.81
CA PHE A 12 -2.35 5.30 -1.60
C PHE A 12 -1.50 4.24 -0.91
N ILE A 13 -2.15 3.20 -0.43
CA ILE A 13 -1.45 2.11 0.26
C ILE A 13 -1.90 0.75 -0.25
N GLU A 14 -0.98 0.01 -0.84
CA GLU A 14 -1.28 -1.32 -1.37
C GLU A 14 -1.09 -2.39 -0.30
N ASN A 15 -1.57 -3.59 -0.59
CA ASN A 15 -1.45 -4.71 0.34
C ASN A 15 -0.35 -5.67 -0.10
N GLU A 16 0.90 -5.32 0.21
CA GLU A 16 2.04 -6.16 -0.15
C GLU A 16 2.42 -7.08 1.00
N GLU A 17 2.39 -6.55 2.21
CA GLU A 17 2.73 -7.32 3.41
C GLU A 17 1.53 -7.49 4.31
N GLN A 18 0.35 -7.63 3.71
CA GLN A 18 -0.88 -7.81 4.46
C GLN A 18 -1.10 -9.27 4.83
N GLU A 19 -1.54 -9.51 6.06
CA GLU A 19 -1.79 -10.87 6.54
C GLU A 19 -3.13 -11.38 6.01
N TYR A 20 -3.08 -12.41 5.17
CA TYR A 20 -4.27 -13.00 4.61
C TYR A 20 -4.00 -14.40 4.06
N VAL A 21 -4.93 -15.31 4.28
CA VAL A 21 -4.80 -16.69 3.82
C VAL A 21 -5.27 -16.83 2.37
N GLN A 22 -4.57 -17.65 1.60
CA GLN A 22 -4.92 -17.87 0.20
C GLN A 22 -5.71 -19.16 0.04
N THR A 23 -6.97 -19.03 -0.35
CA THR A 23 -7.84 -20.18 -0.54
C THR A 23 -7.47 -20.95 -1.80
N VAL A 24 -7.38 -22.28 -1.68
CA VAL A 24 -7.04 -23.12 -2.81
C VAL A 24 -8.28 -23.73 -3.45
N LYS A 25 -8.41 -23.56 -4.76
CA LYS A 25 -9.56 -24.10 -5.49
C LYS A 25 -9.20 -25.42 -6.17
N ALA A 1 5.65 25.62 0.83
CA ALA A 1 4.69 24.62 0.36
C ALA A 1 4.80 23.32 1.15
N MET A 2 3.75 22.52 1.12
CA MET A 2 3.73 21.25 1.83
C MET A 2 3.68 20.07 0.86
N VAL A 3 4.76 19.29 0.84
CA VAL A 3 4.86 18.14 -0.04
C VAL A 3 4.33 16.88 0.64
N SER A 4 3.75 15.98 -0.15
CA SER A 4 3.20 14.73 0.39
C SER A 4 3.88 13.52 -0.26
N GLU A 5 5.20 13.51 -0.22
CA GLU A 5 5.98 12.41 -0.79
C GLU A 5 5.77 11.13 0.00
N PHE A 6 5.62 11.27 1.31
CA PHE A 6 5.42 10.12 2.18
C PHE A 6 3.94 9.73 2.23
N LEU A 7 3.06 10.72 2.09
CA LEU A 7 1.62 10.47 2.11
C LEU A 7 1.13 9.95 0.76
N LYS A 8 1.87 10.28 -0.29
CA LYS A 8 1.52 9.85 -1.64
C LYS A 8 1.79 8.36 -1.81
N GLN A 9 2.35 7.73 -0.79
CA GLN A 9 2.66 6.31 -0.83
C GLN A 9 2.20 5.62 0.45
N ALA A 10 2.24 6.35 1.56
CA ALA A 10 1.83 5.80 2.85
C ALA A 10 0.53 5.03 2.73
N TRP A 11 -0.37 5.51 1.87
CA TRP A 11 -1.66 4.86 1.67
C TRP A 11 -1.63 3.96 0.43
N PHE A 12 -0.75 4.29 -0.51
CA PHE A 12 -0.61 3.51 -1.73
C PHE A 12 0.74 2.79 -1.78
N ILE A 13 0.71 1.47 -1.64
CA ILE A 13 1.93 0.67 -1.67
C ILE A 13 1.77 -0.54 -2.58
N GLU A 14 2.69 -0.68 -3.52
CA GLU A 14 2.66 -1.81 -4.46
C GLU A 14 2.69 -3.13 -3.71
N ASN A 15 1.64 -3.94 -3.90
CA ASN A 15 1.54 -5.23 -3.25
C ASN A 15 1.38 -6.34 -4.28
N GLU A 16 2.43 -6.56 -5.07
CA GLU A 16 2.42 -7.60 -6.10
C GLU A 16 3.06 -8.88 -5.57
N GLU A 17 4.15 -8.74 -4.83
CA GLU A 17 4.85 -9.90 -4.28
C GLU A 17 4.68 -9.96 -2.76
N GLN A 18 3.51 -9.57 -2.30
CA GLN A 18 3.21 -9.58 -0.87
C GLN A 18 2.77 -10.96 -0.41
N GLU A 19 2.99 -11.27 0.87
CA GLU A 19 2.61 -12.56 1.42
C GLU A 19 1.26 -12.48 2.11
N TYR A 20 0.28 -13.22 1.59
CA TYR A 20 -1.06 -13.24 2.15
C TYR A 20 -1.85 -14.46 1.67
N VAL A 21 -2.67 -15.00 2.55
CA VAL A 21 -3.48 -16.17 2.22
C VAL A 21 -4.77 -15.77 1.51
N GLN A 22 -5.11 -16.49 0.45
CA GLN A 22 -6.32 -16.21 -0.31
C GLN A 22 -7.57 -16.37 0.55
N THR A 23 -8.56 -15.53 0.30
CA THR A 23 -9.81 -15.58 1.06
C THR A 23 -10.60 -16.84 0.74
N VAL A 24 -11.35 -17.32 1.72
CA VAL A 24 -12.16 -18.53 1.54
C VAL A 24 -13.47 -18.43 2.31
N LYS A 25 -14.57 -18.78 1.64
CA LYS A 25 -15.88 -18.74 2.26
C LYS A 25 -16.88 -19.57 1.47
N ALA A 1 11.28 22.64 2.48
CA ALA A 1 9.92 22.35 2.05
C ALA A 1 9.37 21.12 2.76
N MET A 2 8.10 20.82 2.50
CA MET A 2 7.45 19.66 3.12
C MET A 2 7.15 18.60 2.08
N VAL A 3 7.80 17.44 2.21
CA VAL A 3 7.61 16.33 1.28
C VAL A 3 6.49 15.42 1.76
N SER A 4 5.76 14.83 0.81
CA SER A 4 4.66 13.93 1.14
C SER A 4 4.91 12.55 0.57
N GLU A 5 6.07 11.99 0.87
CA GLU A 5 6.43 10.66 0.38
C GLU A 5 5.57 9.59 1.03
N PHE A 6 5.22 9.80 2.29
CA PHE A 6 4.38 8.86 3.03
C PHE A 6 2.90 9.10 2.74
N LEU A 7 2.55 10.35 2.51
CA LEU A 7 1.17 10.72 2.23
C LEU A 7 0.81 10.42 0.77
N LYS A 8 1.82 10.41 -0.09
CA LYS A 8 1.61 10.13 -1.51
C LYS A 8 1.28 8.65 -1.73
N GLN A 9 1.31 7.87 -0.65
CA GLN A 9 1.02 6.45 -0.73
C GLN A 9 0.07 6.03 0.38
N ALA A 10 0.16 6.70 1.53
CA ALA A 10 -0.69 6.39 2.67
C ALA A 10 -2.15 6.22 2.24
N TRP A 11 -2.56 7.01 1.25
CA TRP A 11 -3.93 6.95 0.75
C TRP A 11 -4.00 6.09 -0.51
N PHE A 12 -2.89 6.00 -1.23
CA PHE A 12 -2.84 5.21 -2.46
C PHE A 12 -1.91 4.00 -2.27
N ILE A 13 -2.50 2.81 -2.24
CA ILE A 13 -1.72 1.59 -2.08
C ILE A 13 -2.17 0.53 -3.08
N GLU A 14 -1.27 0.20 -4.00
CA GLU A 14 -1.57 -0.81 -5.03
C GLU A 14 -1.59 -2.21 -4.41
N ASN A 15 -2.65 -2.96 -4.70
CA ASN A 15 -2.79 -4.32 -4.19
C ASN A 15 -3.00 -5.31 -5.32
N GLU A 16 -2.30 -5.10 -6.43
CA GLU A 16 -2.41 -5.98 -7.58
C GLU A 16 -1.31 -7.04 -7.58
N GLU A 17 -0.11 -6.63 -7.21
CA GLU A 17 1.03 -7.55 -7.15
C GLU A 17 1.51 -7.73 -5.72
N GLN A 18 0.57 -7.73 -4.78
CA GLN A 18 0.90 -7.90 -3.37
C GLN A 18 1.15 -9.36 -3.04
N GLU A 19 2.21 -9.63 -2.29
CA GLU A 19 2.56 -10.99 -1.91
C GLU A 19 1.79 -11.42 -0.66
N TYR A 20 0.92 -12.42 -0.82
CA TYR A 20 0.12 -12.92 0.28
C TYR A 20 -0.42 -14.31 -0.02
N VAL A 21 -0.46 -15.16 1.00
CA VAL A 21 -0.95 -16.53 0.85
C VAL A 21 -2.45 -16.60 1.07
N GLN A 22 -3.11 -17.48 0.32
CA GLN A 22 -4.56 -17.64 0.44
C GLN A 22 -4.93 -18.23 1.80
N THR A 23 -5.78 -17.52 2.53
CA THR A 23 -6.22 -17.95 3.84
C THR A 23 -7.67 -18.41 3.82
N VAL A 24 -7.90 -19.67 4.18
CA VAL A 24 -9.25 -20.22 4.21
C VAL A 24 -9.97 -19.84 5.49
N LYS A 25 -11.17 -19.28 5.34
CA LYS A 25 -11.98 -18.87 6.49
C LYS A 25 -13.26 -19.69 6.57
N ALA A 1 16.36 16.52 0.88
CA ALA A 1 14.99 16.73 0.44
C ALA A 1 14.02 15.91 1.30
N MET A 2 12.73 16.16 1.13
CA MET A 2 11.71 15.45 1.88
C MET A 2 10.86 14.57 0.95
N VAL A 3 10.95 13.27 1.15
CA VAL A 3 10.19 12.32 0.33
C VAL A 3 8.85 12.00 0.97
N SER A 4 7.86 11.71 0.14
CA SER A 4 6.52 11.39 0.62
C SER A 4 6.05 10.05 0.05
N GLU A 5 6.87 9.02 0.22
CA GLU A 5 6.52 7.69 -0.27
C GLU A 5 5.36 7.10 0.51
N PHE A 6 5.30 7.41 1.80
CA PHE A 6 4.22 6.91 2.65
C PHE A 6 2.99 7.81 2.56
N LEU A 7 3.22 9.09 2.33
CA LEU A 7 2.12 10.06 2.22
C LEU A 7 1.49 9.99 0.83
N LYS A 8 2.27 9.56 -0.16
CA LYS A 8 1.78 9.44 -1.52
C LYS A 8 0.80 8.28 -1.66
N GLN A 9 0.61 7.54 -0.58
CA GLN A 9 -0.30 6.40 -0.58
C GLN A 9 -1.19 6.41 0.65
N ALA A 10 -0.66 6.93 1.76
CA ALA A 10 -1.42 7.01 3.01
C ALA A 10 -2.83 7.51 2.76
N TRP A 11 -2.97 8.44 1.82
CA TRP A 11 -4.27 9.01 1.49
C TRP A 11 -4.87 8.32 0.27
N PHE A 12 -4.02 7.77 -0.58
CA PHE A 12 -4.47 7.08 -1.78
C PHE A 12 -4.17 5.58 -1.68
N ILE A 13 -5.22 4.78 -1.55
CA ILE A 13 -5.07 3.34 -1.45
C ILE A 13 -6.06 2.61 -2.36
N GLU A 14 -5.54 1.86 -3.32
CA GLU A 14 -6.36 1.12 -4.25
C GLU A 14 -6.63 -0.29 -3.76
N ASN A 15 -7.87 -0.74 -3.92
CA ASN A 15 -8.26 -2.08 -3.48
C ASN A 15 -7.47 -3.15 -4.22
N GLU A 16 -7.26 -2.92 -5.51
CA GLU A 16 -6.51 -3.88 -6.34
C GLU A 16 -5.14 -4.15 -5.74
N GLU A 17 -4.53 -3.12 -5.17
CA GLU A 17 -3.21 -3.26 -4.56
C GLU A 17 -3.31 -3.21 -3.04
N GLN A 18 -4.39 -3.77 -2.50
CA GLN A 18 -4.59 -3.79 -1.06
C GLN A 18 -3.82 -4.93 -0.41
N GLU A 19 -3.32 -4.69 0.81
CA GLU A 19 -2.56 -5.69 1.53
C GLU A 19 -3.43 -6.90 1.88
N TYR A 20 -2.96 -8.09 1.54
CA TYR A 20 -3.69 -9.31 1.82
C TYR A 20 -2.77 -10.53 1.79
N VAL A 21 -2.92 -11.40 2.78
CA VAL A 21 -2.10 -12.60 2.86
C VAL A 21 -2.72 -13.76 2.08
N GLN A 22 -1.88 -14.63 1.55
CA GLN A 22 -2.36 -15.78 0.78
C GLN A 22 -2.54 -16.99 1.68
N THR A 23 -3.58 -17.77 1.40
CA THR A 23 -3.88 -18.97 2.19
C THR A 23 -2.77 -20.01 2.03
N VAL A 24 -2.14 -20.37 3.14
CA VAL A 24 -1.07 -21.35 3.14
C VAL A 24 -1.61 -22.75 2.86
N LYS A 25 -0.91 -23.50 2.01
CA LYS A 25 -1.32 -24.85 1.66
C LYS A 25 -0.62 -25.88 2.55
N ALA A 1 12.66 23.69 -1.25
CA ALA A 1 11.37 23.17 -1.68
C ALA A 1 10.83 22.15 -0.70
N MET A 2 9.54 21.83 -0.83
CA MET A 2 8.90 20.87 0.06
C MET A 2 8.48 19.62 -0.71
N VAL A 3 9.08 18.48 -0.37
CA VAL A 3 8.77 17.22 -1.02
C VAL A 3 7.67 16.48 -0.28
N SER A 4 6.89 15.69 -1.03
CA SER A 4 5.80 14.92 -0.45
C SER A 4 5.93 13.44 -0.78
N GLU A 5 7.11 12.88 -0.50
CA GLU A 5 7.37 11.47 -0.77
C GLU A 5 6.53 10.58 0.14
N PHE A 6 6.32 11.03 1.37
CA PHE A 6 5.53 10.26 2.33
C PHE A 6 4.05 10.54 2.16
N LEU A 7 3.71 11.76 1.74
CA LEU A 7 2.33 12.15 1.53
C LEU A 7 1.80 11.62 0.19
N LYS A 8 2.71 11.40 -0.74
CA LYS A 8 2.35 10.89 -2.07
C LYS A 8 1.95 9.42 -1.99
N GLN A 9 2.06 8.84 -0.79
CA GLN A 9 1.71 7.44 -0.59
C GLN A 9 0.86 7.27 0.67
N ALA A 10 1.10 8.12 1.66
CA ALA A 10 0.35 8.07 2.91
C ALA A 10 -1.14 7.90 2.65
N TRP A 11 -1.62 8.53 1.59
CA TRP A 11 -3.04 8.46 1.23
C TRP A 11 -3.27 7.40 0.16
N PHE A 12 -2.24 7.12 -0.62
CA PHE A 12 -2.34 6.12 -1.68
C PHE A 12 -1.44 4.91 -1.38
N ILE A 13 -2.07 3.79 -1.06
CA ILE A 13 -1.33 2.57 -0.75
C ILE A 13 -1.92 1.37 -1.49
N GLU A 14 -1.07 0.66 -2.23
CA GLU A 14 -1.51 -0.52 -2.98
C GLU A 14 -1.82 -1.67 -2.04
N ASN A 15 -2.98 -2.30 -2.27
CA ASN A 15 -3.40 -3.43 -1.44
C ASN A 15 -3.16 -4.75 -2.16
N GLU A 16 -2.03 -4.85 -2.85
CA GLU A 16 -1.68 -6.07 -3.58
C GLU A 16 -0.88 -7.02 -2.70
N GLU A 17 0.00 -6.47 -1.88
CA GLU A 17 0.82 -7.27 -0.98
C GLU A 17 0.24 -7.28 0.44
N GLN A 18 -1.09 -7.28 0.53
CA GLN A 18 -1.77 -7.28 1.82
C GLN A 18 -1.78 -8.69 2.41
N GLU A 19 -1.68 -8.76 3.73
CA GLU A 19 -1.68 -10.05 4.42
C GLU A 19 -3.01 -10.78 4.24
N TYR A 20 -2.94 -12.00 3.74
CA TYR A 20 -4.14 -12.80 3.51
C TYR A 20 -3.81 -14.28 3.46
N VAL A 21 -4.67 -15.09 4.07
CA VAL A 21 -4.46 -16.54 4.09
C VAL A 21 -4.97 -17.19 2.82
N GLN A 22 -4.23 -18.17 2.32
CA GLN A 22 -4.62 -18.87 1.10
C GLN A 22 -5.24 -20.23 1.42
N THR A 23 -6.37 -20.51 0.79
CA THR A 23 -7.07 -21.77 1.00
C THR A 23 -6.90 -22.71 -0.18
N VAL A 24 -6.65 -23.99 0.10
CA VAL A 24 -6.47 -24.98 -0.94
C VAL A 24 -7.81 -25.49 -1.47
N LYS A 25 -7.88 -25.73 -2.77
CA LYS A 25 -9.11 -26.22 -3.39
C LYS A 25 -8.91 -27.60 -3.99
N ALA A 1 7.83 26.10 -1.14
CA ALA A 1 6.83 25.13 -1.56
C ALA A 1 6.75 23.95 -0.60
N MET A 2 5.61 23.26 -0.60
CA MET A 2 5.42 22.11 0.26
C MET A 2 5.31 20.83 -0.55
N VAL A 3 6.29 19.94 -0.41
CA VAL A 3 6.29 18.68 -1.12
C VAL A 3 5.56 17.60 -0.35
N SER A 4 4.94 16.68 -1.07
CA SER A 4 4.19 15.59 -0.45
C SER A 4 4.74 14.23 -0.89
N GLU A 5 6.06 14.08 -0.80
CA GLU A 5 6.72 12.83 -1.19
C GLU A 5 6.33 11.69 -0.26
N PHE A 6 6.11 12.03 1.02
CA PHE A 6 5.74 11.04 2.02
C PHE A 6 4.23 10.84 2.05
N LEU A 7 3.49 11.90 1.74
CA LEU A 7 2.03 11.84 1.72
C LEU A 7 1.52 11.19 0.44
N LYS A 8 2.32 11.29 -0.62
CA LYS A 8 1.95 10.71 -1.91
C LYS A 8 2.04 9.18 -1.86
N GLN A 9 2.48 8.66 -0.73
CA GLN A 9 2.62 7.21 -0.56
C GLN A 9 2.03 6.76 0.78
N ALA A 10 2.13 7.64 1.78
CA ALA A 10 1.62 7.33 3.11
C ALA A 10 0.22 6.73 3.03
N TRP A 11 -0.58 7.18 2.07
CA TRP A 11 -1.93 6.67 1.90
C TRP A 11 -1.97 5.61 0.80
N PHE A 12 -1.02 5.69 -0.12
CA PHE A 12 -0.95 4.72 -1.22
C PHE A 12 0.30 3.85 -1.10
N ILE A 13 0.09 2.58 -0.78
CA ILE A 13 1.20 1.64 -0.63
C ILE A 13 0.91 0.34 -1.37
N GLU A 14 1.87 -0.09 -2.20
CA GLU A 14 1.72 -1.32 -2.96
C GLU A 14 1.47 -2.51 -2.04
N ASN A 15 0.36 -3.18 -2.24
CA ASN A 15 0.00 -4.34 -1.42
C ASN A 15 0.14 -5.63 -2.22
N GLU A 16 1.20 -5.73 -3.02
CA GLU A 16 1.44 -6.91 -3.83
C GLU A 16 2.10 -8.02 -3.00
N GLU A 17 3.02 -7.62 -2.13
CA GLU A 17 3.73 -8.58 -1.28
C GLU A 17 3.14 -8.58 0.13
N GLN A 18 1.83 -8.40 0.21
CA GLN A 18 1.15 -8.38 1.51
C GLN A 18 0.96 -9.79 2.04
N GLU A 19 0.62 -9.90 3.33
CA GLU A 19 0.41 -11.20 3.96
C GLU A 19 -1.07 -11.57 3.95
N TYR A 20 -1.38 -12.71 3.36
CA TYR A 20 -2.76 -13.18 3.28
C TYR A 20 -2.81 -14.68 2.97
N VAL A 21 -3.68 -15.39 3.67
CA VAL A 21 -3.83 -16.83 3.47
C VAL A 21 -4.78 -17.12 2.31
N GLN A 22 -4.54 -18.23 1.62
CA GLN A 22 -5.38 -18.62 0.49
C GLN A 22 -6.70 -19.23 0.98
N THR A 23 -7.80 -18.81 0.36
CA THR A 23 -9.12 -19.30 0.73
C THR A 23 -9.50 -20.52 -0.10
N VAL A 24 -10.21 -21.45 0.52
CA VAL A 24 -10.65 -22.67 -0.17
C VAL A 24 -12.17 -22.76 -0.22
N LYS A 25 -12.70 -23.07 -1.40
CA LYS A 25 -14.14 -23.19 -1.59
C LYS A 25 -14.53 -24.60 -2.00
N ALA A 1 13.71 19.75 3.12
CA ALA A 1 12.33 19.83 2.65
C ALA A 1 11.47 18.75 3.29
N MET A 2 10.18 18.76 2.96
CA MET A 2 9.24 17.77 3.51
C MET A 2 8.78 16.81 2.43
N VAL A 3 9.16 15.54 2.55
CA VAL A 3 8.79 14.52 1.58
C VAL A 3 7.50 13.83 2.00
N SER A 4 6.73 13.37 1.01
CA SER A 4 5.48 12.69 1.28
C SER A 4 5.45 11.32 0.60
N GLU A 5 6.51 10.55 0.80
CA GLU A 5 6.61 9.22 0.21
C GLU A 5 5.57 8.28 0.82
N PHE A 6 5.28 8.48 2.09
CA PHE A 6 4.30 7.64 2.79
C PHE A 6 2.89 8.18 2.59
N LEU A 7 2.79 9.50 2.46
CA LEU A 7 1.49 10.14 2.26
C LEU A 7 1.02 10.01 0.82
N LYS A 8 1.98 9.88 -0.10
CA LYS A 8 1.67 9.74 -1.52
C LYS A 8 1.06 8.38 -1.81
N GLN A 9 0.98 7.53 -0.80
CA GLN A 9 0.42 6.19 -0.95
C GLN A 9 -0.56 5.89 0.18
N ALA A 10 -0.30 6.44 1.36
CA ALA A 10 -1.16 6.22 2.51
C ALA A 10 -2.63 6.35 2.14
N TRP A 11 -2.92 7.28 1.22
CA TRP A 11 -4.29 7.51 0.78
C TRP A 11 -4.57 6.77 -0.52
N PHE A 12 -3.52 6.53 -1.29
CA PHE A 12 -3.65 5.83 -2.57
C PHE A 12 -2.97 4.47 -2.51
N ILE A 13 -3.77 3.41 -2.53
CA ILE A 13 -3.25 2.05 -2.48
C ILE A 13 -3.93 1.16 -3.53
N GLU A 14 -3.12 0.58 -4.40
CA GLU A 14 -3.63 -0.28 -5.46
C GLU A 14 -3.92 -1.67 -4.91
N ASN A 15 -5.19 -2.05 -4.91
CA ASN A 15 -5.61 -3.36 -4.42
C ASN A 15 -5.01 -4.48 -5.27
N GLU A 16 -5.04 -4.31 -6.59
CA GLU A 16 -4.50 -5.30 -7.50
C GLU A 16 -3.01 -5.50 -7.27
N GLU A 17 -2.31 -4.40 -6.98
CA GLU A 17 -0.87 -4.46 -6.73
C GLU A 17 -0.58 -4.50 -5.23
N GLN A 18 -1.44 -5.18 -4.48
CA GLN A 18 -1.28 -5.30 -3.04
C GLN A 18 -0.62 -6.62 -2.67
N GLU A 19 0.39 -6.55 -1.81
CA GLU A 19 1.11 -7.76 -1.37
C GLU A 19 0.42 -8.39 -0.17
N TYR A 20 0.03 -9.65 -0.32
CA TYR A 20 -0.64 -10.38 0.75
C TYR A 20 -0.58 -11.88 0.51
N VAL A 21 -0.42 -12.64 1.59
CA VAL A 21 -0.34 -14.09 1.50
C VAL A 21 -1.73 -14.71 1.35
N GLN A 22 -1.80 -15.84 0.64
CA GLN A 22 -3.07 -16.52 0.44
C GLN A 22 -3.30 -17.58 1.50
N THR A 23 -4.53 -17.65 2.01
CA THR A 23 -4.87 -18.62 3.04
C THR A 23 -5.90 -19.62 2.52
N VAL A 24 -5.65 -20.90 2.80
CA VAL A 24 -6.55 -21.96 2.36
C VAL A 24 -6.95 -22.86 3.54
N LYS A 25 -8.01 -22.47 4.23
CA LYS A 25 -8.51 -23.25 5.37
C LYS A 25 -10.01 -23.46 5.28
N ALA A 1 9.80 24.64 2.60
CA ALA A 1 8.64 24.01 1.97
C ALA A 1 8.27 22.72 2.69
N MET A 2 7.07 22.23 2.44
CA MET A 2 6.59 21.00 3.06
C MET A 2 6.39 19.90 2.02
N VAL A 3 7.21 18.86 2.09
CA VAL A 3 7.12 17.75 1.16
C VAL A 3 6.19 16.67 1.68
N SER A 4 5.50 16.00 0.76
CA SER A 4 4.56 14.93 1.13
C SER A 4 4.97 13.62 0.48
N GLU A 5 6.23 13.25 0.61
CA GLU A 5 6.74 12.02 0.05
C GLU A 5 6.12 10.80 0.74
N PHE A 6 5.86 10.95 2.03
CA PHE A 6 5.26 9.86 2.80
C PHE A 6 3.74 9.88 2.70
N LEU A 7 3.19 11.08 2.54
CA LEU A 7 1.74 11.24 2.42
C LEU A 7 1.26 10.91 1.01
N LYS A 8 2.16 11.07 0.04
CA LYS A 8 1.83 10.78 -1.35
C LYS A 8 1.71 9.27 -1.59
N GLN A 9 1.97 8.49 -0.54
CA GLN A 9 1.90 7.04 -0.63
C GLN A 9 1.15 6.46 0.56
N ALA A 10 1.27 7.12 1.71
CA ALA A 10 0.60 6.68 2.92
C ALA A 10 -0.85 6.29 2.64
N TRP A 11 -1.49 7.03 1.74
CA TRP A 11 -2.87 6.76 1.39
C TRP A 11 -2.97 5.92 0.12
N PHE A 12 -1.93 6.01 -0.72
CA PHE A 12 -1.90 5.26 -1.97
C PHE A 12 -0.80 4.21 -1.94
N ILE A 13 -1.20 2.94 -1.87
CA ILE A 13 -0.24 1.84 -1.83
C ILE A 13 -0.62 0.74 -2.82
N GLU A 14 0.22 0.53 -3.82
CA GLU A 14 -0.03 -0.49 -4.83
C GLU A 14 0.04 -1.89 -4.22
N ASN A 15 -1.11 -2.54 -4.10
CA ASN A 15 -1.17 -3.88 -3.53
C ASN A 15 -1.83 -4.86 -4.50
N GLU A 16 -1.39 -4.81 -5.76
CA GLU A 16 -1.94 -5.69 -6.79
C GLU A 16 -1.12 -6.97 -6.90
N GLU A 17 0.19 -6.85 -6.75
CA GLU A 17 1.09 -7.99 -6.83
C GLU A 17 1.71 -8.30 -5.47
N GLN A 18 0.94 -8.09 -4.41
CA GLN A 18 1.42 -8.33 -3.06
C GLN A 18 1.10 -9.76 -2.62
N GLU A 19 2.11 -10.47 -2.13
CA GLU A 19 1.92 -11.84 -1.68
C GLU A 19 0.85 -11.92 -0.59
N TYR A 20 -0.08 -12.86 -0.75
CA TYR A 20 -1.16 -13.04 0.21
C TYR A 20 -1.76 -14.44 0.10
N VAL A 21 -1.88 -15.10 1.25
CA VAL A 21 -2.43 -16.45 1.28
C VAL A 21 -3.95 -16.42 1.24
N GLN A 22 -4.53 -17.25 0.38
CA GLN A 22 -5.98 -17.33 0.23
C GLN A 22 -6.61 -18.10 1.39
N THR A 23 -7.58 -17.48 2.06
CA THR A 23 -8.25 -18.12 3.18
C THR A 23 -9.57 -18.75 2.74
N VAL A 24 -9.50 -19.99 2.29
CA VAL A 24 -10.70 -20.71 1.85
C VAL A 24 -11.67 -20.94 3.00
N LYS A 25 -11.12 -21.18 4.19
CA LYS A 25 -11.94 -21.41 5.38
C LYS A 25 -11.98 -20.16 6.27
N ALA A 1 15.35 18.47 -0.01
CA ALA A 1 13.93 18.63 -0.26
C ALA A 1 13.12 17.66 0.59
N MET A 2 11.79 17.79 0.52
CA MET A 2 10.90 16.93 1.28
C MET A 2 10.11 16.01 0.36
N VAL A 3 10.39 14.70 0.46
CA VAL A 3 9.71 13.71 -0.36
C VAL A 3 8.42 13.23 0.30
N SER A 4 7.46 12.81 -0.51
CA SER A 4 6.18 12.32 0.00
C SER A 4 5.90 10.92 -0.52
N GLU A 5 6.88 10.03 -0.38
CA GLU A 5 6.74 8.65 -0.82
C GLU A 5 5.70 7.92 0.02
N PHE A 6 5.62 8.27 1.29
CA PHE A 6 4.68 7.64 2.21
C PHE A 6 3.32 8.34 2.15
N LEU A 7 3.34 9.65 1.87
CA LEU A 7 2.12 10.43 1.79
C LEU A 7 1.44 10.23 0.45
N LYS A 8 2.22 9.88 -0.56
CA LYS A 8 1.69 9.65 -1.91
C LYS A 8 0.89 8.36 -1.97
N GLN A 9 0.87 7.63 -0.85
CA GLN A 9 0.14 6.38 -0.78
C GLN A 9 -0.69 6.29 0.49
N ALA A 10 -0.20 6.92 1.55
CA ALA A 10 -0.91 6.93 2.83
C ALA A 10 -2.38 7.23 2.64
N TRP A 11 -2.69 8.09 1.68
CA TRP A 11 -4.08 8.46 1.40
C TRP A 11 -4.63 7.64 0.24
N PHE A 12 -3.74 7.18 -0.64
CA PHE A 12 -4.15 6.38 -1.79
C PHE A 12 -3.62 4.95 -1.67
N ILE A 13 -4.53 4.01 -1.43
CA ILE A 13 -4.17 2.60 -1.30
C ILE A 13 -5.09 1.72 -2.13
N GLU A 14 -4.53 1.10 -3.16
CA GLU A 14 -5.30 0.22 -4.03
C GLU A 14 -5.35 -1.20 -3.47
N ASN A 15 -6.32 -1.99 -3.93
CA ASN A 15 -6.47 -3.37 -3.48
C ASN A 15 -5.16 -4.14 -3.62
N GLU A 16 -4.44 -3.85 -4.70
CA GLU A 16 -3.16 -4.51 -4.96
C GLU A 16 -2.24 -4.42 -3.75
N GLU A 17 -2.29 -3.28 -3.07
CA GLU A 17 -1.45 -3.05 -1.89
C GLU A 17 -2.25 -3.25 -0.62
N GLN A 18 -3.17 -4.20 -0.64
CA GLN A 18 -4.02 -4.49 0.51
C GLN A 18 -3.48 -5.71 1.28
N GLU A 19 -3.61 -5.67 2.60
CA GLU A 19 -3.13 -6.76 3.45
C GLU A 19 -3.98 -8.01 3.22
N TYR A 20 -3.35 -9.06 2.73
CA TYR A 20 -4.04 -10.32 2.47
C TYR A 20 -3.07 -11.50 2.49
N VAL A 21 -3.42 -12.54 3.23
CA VAL A 21 -2.58 -13.73 3.34
C VAL A 21 -2.89 -14.72 2.22
N GLN A 22 -1.85 -15.15 1.52
CA GLN A 22 -2.00 -16.09 0.42
C GLN A 22 -2.25 -17.50 0.95
N THR A 23 -3.34 -18.13 0.51
CA THR A 23 -3.68 -19.47 0.94
C THR A 23 -2.67 -20.48 0.45
N VAL A 24 -2.48 -21.55 1.22
CA VAL A 24 -1.53 -22.60 0.85
C VAL A 24 -2.24 -23.92 0.59
N LYS A 25 -3.29 -24.18 1.37
CA LYS A 25 -4.07 -25.41 1.22
C LYS A 25 -4.62 -25.54 -0.19
N ALA A 1 17.44 16.09 -1.78
CA ALA A 1 16.08 16.48 -2.15
C ALA A 1 15.07 16.01 -1.11
N MET A 2 13.79 16.30 -1.35
CA MET A 2 12.74 15.91 -0.43
C MET A 2 11.83 14.85 -1.05
N VAL A 3 11.86 13.64 -0.48
CA VAL A 3 11.05 12.54 -0.99
C VAL A 3 9.70 12.51 -0.29
N SER A 4 8.65 12.23 -1.07
CA SER A 4 7.29 12.17 -0.54
C SER A 4 6.78 10.73 -0.50
N GLU A 5 7.60 9.84 0.05
CA GLU A 5 7.23 8.42 0.15
C GLU A 5 6.07 8.23 1.10
N PHE A 6 6.01 9.06 2.14
CA PHE A 6 4.93 8.99 3.12
C PHE A 6 3.72 9.80 2.68
N LEU A 7 3.98 10.87 1.94
CA LEU A 7 2.91 11.73 1.45
C LEU A 7 2.24 11.13 0.22
N LYS A 8 2.99 10.31 -0.50
CA LYS A 8 2.47 9.65 -1.70
C LYS A 8 1.46 8.57 -1.35
N GLN A 9 1.28 8.34 -0.05
CA GLN A 9 0.34 7.33 0.43
C GLN A 9 -0.53 7.89 1.56
N ALA A 10 0.04 8.80 2.33
CA ALA A 10 -0.69 9.41 3.45
C ALA A 10 -2.10 9.81 3.03
N TRP A 11 -2.23 10.28 1.79
CA TRP A 11 -3.51 10.70 1.26
C TRP A 11 -4.17 9.58 0.45
N PHE A 12 -3.34 8.70 -0.10
CA PHE A 12 -3.84 7.59 -0.91
C PHE A 12 -3.57 6.25 -0.21
N ILE A 13 -4.65 5.62 0.27
CA ILE A 13 -4.54 4.34 0.94
C ILE A 13 -5.56 3.34 0.42
N GLU A 14 -5.08 2.28 -0.21
CA GLU A 14 -5.95 1.25 -0.75
C GLU A 14 -6.20 0.15 0.27
N ASN A 15 -7.19 -0.70 -0.02
CA ASN A 15 -7.53 -1.80 0.88
C ASN A 15 -6.35 -2.75 1.07
N GLU A 16 -5.62 -2.55 2.17
CA GLU A 16 -4.46 -3.38 2.47
C GLU A 16 -4.88 -4.85 2.65
N GLU A 17 -6.07 -5.05 3.19
CA GLU A 17 -6.58 -6.40 3.42
C GLU A 17 -7.72 -6.72 2.46
N GLN A 18 -7.62 -6.21 1.23
CA GLN A 18 -8.65 -6.45 0.22
C GLN A 18 -8.87 -7.94 0.02
N GLU A 19 -10.01 -8.28 -0.59
CA GLU A 19 -10.36 -9.68 -0.84
C GLU A 19 -9.26 -10.36 -1.67
N TYR A 20 -8.63 -11.36 -1.08
CA TYR A 20 -7.56 -12.10 -1.76
C TYR A 20 -7.31 -13.43 -1.08
N VAL A 21 -7.06 -14.46 -1.89
CA VAL A 21 -6.80 -15.80 -1.37
C VAL A 21 -5.37 -15.92 -0.86
N GLN A 22 -5.18 -16.75 0.15
CA GLN A 22 -3.86 -16.96 0.73
C GLN A 22 -2.95 -17.72 -0.24
N THR A 23 -1.66 -17.39 -0.20
CA THR A 23 -0.69 -18.04 -1.08
C THR A 23 -0.49 -19.50 -0.70
N VAL A 24 -0.17 -20.33 -1.70
CA VAL A 24 0.04 -21.75 -1.46
C VAL A 24 1.49 -22.03 -1.09
N LYS A 25 1.70 -23.10 -0.31
CA LYS A 25 3.04 -23.47 0.11
C LYS A 25 3.53 -24.70 -0.65
N ALA A 1 13.10 22.23 1.58
CA ALA A 1 11.74 21.94 1.13
C ALA A 1 11.18 20.71 1.83
N MET A 2 9.86 20.56 1.80
CA MET A 2 9.20 19.42 2.42
C MET A 2 8.61 18.49 1.38
N VAL A 3 9.14 17.27 1.30
CA VAL A 3 8.66 16.28 0.33
C VAL A 3 7.57 15.41 0.95
N SER A 4 6.58 15.07 0.13
CA SER A 4 5.47 14.24 0.58
C SER A 4 5.50 12.87 -0.08
N GLU A 5 6.67 12.23 -0.06
CA GLU A 5 6.83 10.92 -0.67
C GLU A 5 6.02 9.87 0.08
N PHE A 6 5.90 10.04 1.40
CA PHE A 6 5.15 9.11 2.23
C PHE A 6 3.68 9.48 2.27
N LEU A 7 3.38 10.77 2.15
CA LEU A 7 2.01 11.25 2.17
C LEU A 7 1.35 11.05 0.81
N LYS A 8 2.16 11.02 -0.24
CA LYS A 8 1.66 10.83 -1.59
C LYS A 8 1.18 9.40 -1.80
N GLN A 9 1.35 8.57 -0.79
CA GLN A 9 0.94 7.17 -0.85
C GLN A 9 0.19 6.75 0.40
N ALA A 10 0.56 7.35 1.53
CA ALA A 10 -0.08 7.05 2.81
C ALA A 10 -1.60 7.01 2.65
N TRP A 11 -2.13 7.89 1.81
CA TRP A 11 -3.56 7.95 1.58
C TRP A 11 -3.96 7.16 0.33
N PHE A 12 -3.02 7.02 -0.59
CA PHE A 12 -3.26 6.28 -1.82
C PHE A 12 -2.42 5.02 -1.89
N ILE A 13 -3.08 3.87 -1.76
CA ILE A 13 -2.39 2.58 -1.80
C ILE A 13 -3.11 1.60 -2.72
N GLU A 14 -2.39 1.08 -3.70
CA GLU A 14 -2.95 0.12 -4.65
C GLU A 14 -2.92 -1.29 -4.08
N ASN A 15 -3.95 -2.08 -4.39
CA ASN A 15 -4.04 -3.44 -3.91
C ASN A 15 -3.53 -4.42 -4.97
N GLU A 16 -2.49 -4.02 -5.69
CA GLU A 16 -1.91 -4.86 -6.73
C GLU A 16 -0.72 -5.64 -6.19
N GLU A 17 0.09 -4.98 -5.37
CA GLU A 17 1.28 -5.61 -4.79
C GLU A 17 1.14 -5.74 -3.28
N GLN A 18 -0.08 -5.97 -2.82
CA GLN A 18 -0.35 -6.11 -1.39
C GLN A 18 -0.03 -7.52 -0.91
N GLU A 19 0.13 -7.67 0.41
CA GLU A 19 0.44 -8.97 1.00
C GLU A 19 -0.83 -9.66 1.47
N TYR A 20 -0.90 -10.97 1.25
CA TYR A 20 -2.06 -11.76 1.65
C TYR A 20 -1.72 -13.24 1.71
N VAL A 21 -2.24 -13.93 2.72
CA VAL A 21 -2.00 -15.35 2.88
C VAL A 21 -3.02 -16.18 2.11
N GLN A 22 -2.58 -17.30 1.57
CA GLN A 22 -3.45 -18.19 0.81
C GLN A 22 -4.23 -19.12 1.73
N THR A 23 -5.53 -19.23 1.50
CA THR A 23 -6.38 -20.08 2.32
C THR A 23 -6.42 -21.50 1.77
N VAL A 24 -6.55 -22.48 2.66
CA VAL A 24 -6.61 -23.88 2.26
C VAL A 24 -7.89 -24.54 2.75
N LYS A 25 -8.49 -25.35 1.88
CA LYS A 25 -9.73 -26.05 2.22
C LYS A 25 -9.47 -27.54 2.45
N ALA A 1 16.42 16.14 1.49
CA ALA A 1 15.08 16.58 1.16
C ALA A 1 14.03 15.75 1.92
N MET A 2 12.76 16.07 1.68
CA MET A 2 11.68 15.34 2.34
C MET A 2 10.88 14.53 1.34
N VAL A 3 10.96 13.20 1.47
CA VAL A 3 10.25 12.30 0.57
C VAL A 3 8.88 11.94 1.12
N SER A 4 7.87 11.98 0.26
CA SER A 4 6.50 11.66 0.67
C SER A 4 6.07 10.31 0.11
N GLU A 5 6.93 9.30 0.30
CA GLU A 5 6.64 7.95 -0.17
C GLU A 5 5.44 7.36 0.57
N PHE A 6 5.31 7.71 1.85
CA PHE A 6 4.22 7.20 2.68
C PHE A 6 2.98 8.07 2.52
N LEU A 7 3.19 9.36 2.28
CA LEU A 7 2.09 10.31 2.11
C LEU A 7 1.49 10.21 0.71
N LYS A 8 2.30 9.77 -0.24
CA LYS A 8 1.86 9.62 -1.62
C LYS A 8 0.91 8.44 -1.76
N GLN A 9 0.70 7.71 -0.67
CA GLN A 9 -0.19 6.56 -0.67
C GLN A 9 -1.12 6.59 0.53
N ALA A 10 -0.63 7.15 1.64
CA ALA A 10 -1.43 7.23 2.86
C ALA A 10 -2.84 7.73 2.56
N TRP A 11 -2.96 8.62 1.60
CA TRP A 11 -4.26 9.17 1.22
C TRP A 11 -4.82 8.45 0.01
N PHE A 12 -3.93 7.88 -0.80
CA PHE A 12 -4.34 7.14 -2.00
C PHE A 12 -4.02 5.66 -1.86
N ILE A 13 -5.07 4.85 -1.73
CA ILE A 13 -4.90 3.41 -1.58
C ILE A 13 -5.86 2.64 -2.49
N GLU A 14 -5.31 1.76 -3.33
CA GLU A 14 -6.12 0.98 -4.24
C GLU A 14 -6.55 -0.34 -3.61
N ASN A 15 -7.66 -0.89 -4.08
CA ASN A 15 -8.18 -2.15 -3.55
C ASN A 15 -7.40 -3.33 -4.13
N GLU A 16 -7.05 -3.23 -5.41
CA GLU A 16 -6.31 -4.29 -6.09
C GLU A 16 -4.99 -4.58 -5.37
N GLU A 17 -4.36 -3.52 -4.85
CA GLU A 17 -3.10 -3.66 -4.14
C GLU A 17 -3.31 -3.72 -2.64
N GLN A 18 -4.42 -4.35 -2.23
CA GLN A 18 -4.75 -4.46 -0.82
C GLN A 18 -3.71 -5.31 -0.08
N GLU A 19 -3.50 -5.01 1.19
CA GLU A 19 -2.54 -5.75 2.00
C GLU A 19 -3.14 -7.04 2.52
N TYR A 20 -2.59 -8.17 2.10
CA TYR A 20 -3.07 -9.47 2.53
C TYR A 20 -2.02 -10.55 2.31
N VAL A 21 -1.91 -11.46 3.27
CA VAL A 21 -0.94 -12.55 3.18
C VAL A 21 -1.55 -13.79 2.54
N GLN A 22 -0.73 -14.56 1.85
CA GLN A 22 -1.19 -15.78 1.19
C GLN A 22 -1.12 -16.97 2.14
N THR A 23 -2.17 -17.79 2.13
CA THR A 23 -2.24 -18.97 2.99
C THR A 23 -2.18 -20.25 2.17
N VAL A 24 -1.43 -21.23 2.67
CA VAL A 24 -1.29 -22.51 1.99
C VAL A 24 -2.57 -23.33 2.10
N LYS A 25 -2.83 -24.15 1.09
CA LYS A 25 -4.02 -25.00 1.08
C LYS A 25 -3.67 -26.43 0.69
N ALA A 1 14.48 20.16 2.84
CA ALA A 1 13.11 20.25 2.37
C ALA A 1 12.24 19.15 2.98
N MET A 2 10.95 19.18 2.66
CA MET A 2 10.02 18.18 3.17
C MET A 2 9.47 17.32 2.04
N VAL A 3 9.83 16.04 2.05
CA VAL A 3 9.37 15.10 1.03
C VAL A 3 8.07 14.42 1.44
N SER A 4 7.23 14.12 0.46
CA SER A 4 5.95 13.47 0.72
C SER A 4 5.94 12.05 0.17
N GLU A 5 7.01 11.30 0.45
CA GLU A 5 7.12 9.93 -0.01
C GLU A 5 6.07 9.04 0.63
N PHE A 6 5.76 9.33 1.90
CA PHE A 6 4.76 8.56 2.63
C PHE A 6 3.36 9.12 2.40
N LEU A 7 3.28 10.42 2.14
CA LEU A 7 2.00 11.08 1.90
C LEU A 7 1.52 10.83 0.48
N LYS A 8 2.46 10.57 -0.43
CA LYS A 8 2.14 10.31 -1.82
C LYS A 8 1.48 8.94 -1.98
N GLN A 9 1.39 8.20 -0.88
CA GLN A 9 0.79 6.88 -0.90
C GLN A 9 -0.18 6.70 0.26
N ALA A 10 0.10 7.36 1.38
CA ALA A 10 -0.75 7.28 2.55
C ALA A 10 -2.23 7.43 2.18
N TRP A 11 -2.49 8.27 1.19
CA TRP A 11 -3.86 8.50 0.73
C TRP A 11 -4.18 7.64 -0.49
N PHE A 12 -3.15 7.29 -1.25
CA PHE A 12 -3.31 6.48 -2.44
C PHE A 12 -2.67 5.10 -2.26
N ILE A 13 -3.51 4.08 -2.17
CA ILE A 13 -3.02 2.71 -1.99
C ILE A 13 -3.73 1.75 -2.94
N GLU A 14 -2.96 0.86 -3.56
CA GLU A 14 -3.51 -0.10 -4.49
C GLU A 14 -4.32 -1.18 -3.75
N ASN A 15 -5.63 -1.11 -3.89
CA ASN A 15 -6.51 -2.08 -3.23
C ASN A 15 -6.54 -3.40 -4.00
N GLU A 16 -6.70 -3.31 -5.31
CA GLU A 16 -6.74 -4.50 -6.15
C GLU A 16 -5.49 -5.35 -5.96
N GLU A 17 -4.35 -4.68 -5.82
CA GLU A 17 -3.08 -5.37 -5.63
C GLU A 17 -2.59 -5.23 -4.19
N GLN A 18 -3.53 -5.22 -3.25
CA GLN A 18 -3.20 -5.10 -1.84
C GLN A 18 -2.43 -6.33 -1.34
N GLU A 19 -1.39 -6.10 -0.56
CA GLU A 19 -0.58 -7.18 -0.02
C GLU A 19 -1.43 -8.11 0.85
N TYR A 20 -1.49 -9.39 0.46
CA TYR A 20 -2.27 -10.37 1.21
C TYR A 20 -1.77 -11.79 0.91
N VAL A 21 -1.59 -12.57 1.97
CA VAL A 21 -1.12 -13.94 1.84
C VAL A 21 -2.27 -14.88 1.51
N GLN A 22 -2.03 -15.80 0.58
CA GLN A 22 -3.05 -16.77 0.18
C GLN A 22 -2.96 -18.03 1.03
N THR A 23 -4.10 -18.44 1.59
CA THR A 23 -4.15 -19.63 2.43
C THR A 23 -4.79 -20.80 1.69
N VAL A 24 -4.21 -21.98 1.82
CA VAL A 24 -4.73 -23.18 1.17
C VAL A 24 -4.72 -24.38 2.12
N LYS A 25 -5.82 -25.13 2.12
CA LYS A 25 -5.94 -26.30 2.97
C LYS A 25 -5.57 -27.57 2.22
N ALA A 1 14.70 20.43 -0.41
CA ALA A 1 13.38 20.09 -0.94
C ALA A 1 12.60 19.23 0.04
N MET A 2 11.30 19.11 -0.18
CA MET A 2 10.43 18.31 0.68
C MET A 2 9.90 17.09 -0.06
N VAL A 3 10.32 15.90 0.37
CA VAL A 3 9.88 14.67 -0.26
C VAL A 3 8.58 14.16 0.38
N SER A 4 7.67 13.69 -0.46
CA SER A 4 6.39 13.17 0.03
C SER A 4 6.22 11.70 -0.35
N GLU A 5 7.24 10.91 -0.06
CA GLU A 5 7.20 9.49 -0.37
C GLU A 5 6.15 8.77 0.49
N PHE A 6 5.97 9.25 1.70
CA PHE A 6 4.99 8.66 2.62
C PHE A 6 3.61 9.26 2.41
N LEU A 7 3.58 10.53 2.00
CA LEU A 7 2.32 11.22 1.75
C LEU A 7 1.74 10.84 0.39
N LYS A 8 2.61 10.45 -0.52
CA LYS A 8 2.19 10.05 -1.86
C LYS A 8 1.46 8.70 -1.83
N GLN A 9 1.41 8.10 -0.65
CA GLN A 9 0.75 6.81 -0.48
C GLN A 9 -0.17 6.82 0.74
N ALA A 10 0.23 7.58 1.76
CA ALA A 10 -0.55 7.68 2.98
C ALA A 10 -2.04 7.86 2.68
N TRP A 11 -2.34 8.60 1.62
CA TRP A 11 -3.72 8.84 1.22
C TRP A 11 -4.14 7.87 0.12
N PHE A 12 -3.17 7.39 -0.65
CA PHE A 12 -3.45 6.46 -1.73
C PHE A 12 -2.87 5.08 -1.43
N ILE A 13 -3.74 4.12 -1.17
CA ILE A 13 -3.32 2.75 -0.86
C ILE A 13 -4.12 1.73 -1.65
N GLU A 14 -3.43 0.89 -2.40
CA GLU A 14 -4.08 -0.14 -3.21
C GLU A 14 -4.66 -1.24 -2.32
N ASN A 15 -5.59 -2.01 -2.88
CA ASN A 15 -6.22 -3.10 -2.14
C ASN A 15 -5.55 -4.43 -2.46
N GLU A 16 -5.16 -4.60 -3.72
CA GLU A 16 -4.51 -5.83 -4.15
C GLU A 16 -3.27 -6.11 -3.32
N GLU A 17 -2.55 -5.06 -2.94
CA GLU A 17 -1.34 -5.19 -2.13
C GLU A 17 -1.65 -4.97 -0.66
N GLN A 18 -2.83 -5.40 -0.22
CA GLN A 18 -3.24 -5.25 1.17
C GLN A 18 -2.87 -6.48 1.98
N GLU A 19 -2.74 -6.31 3.29
CA GLU A 19 -2.39 -7.40 4.18
C GLU A 19 -3.43 -8.51 4.11
N TYR A 20 -3.03 -9.69 3.65
CA TYR A 20 -3.93 -10.82 3.54
C TYR A 20 -3.16 -12.13 3.53
N VAL A 21 -3.70 -13.14 4.20
CA VAL A 21 -3.07 -14.46 4.27
C VAL A 21 -3.31 -15.25 2.99
N GLN A 22 -2.32 -16.03 2.59
CA GLN A 22 -2.42 -16.83 1.38
C GLN A 22 -2.97 -18.22 1.70
N THR A 23 -4.14 -18.53 1.15
CA THR A 23 -4.78 -19.82 1.37
C THR A 23 -4.18 -20.90 0.48
N VAL A 24 -4.18 -22.14 0.96
CA VAL A 24 -3.63 -23.26 0.21
C VAL A 24 -4.64 -24.39 0.10
N LYS A 25 -4.78 -24.94 -1.11
CA LYS A 25 -5.71 -26.04 -1.35
C LYS A 25 -4.97 -27.33 -1.62
N ALA A 1 13.55 23.04 -0.93
CA ALA A 1 12.30 22.54 -1.48
C ALA A 1 11.59 21.62 -0.49
N MET A 2 10.29 21.39 -0.72
CA MET A 2 9.51 20.53 0.15
C MET A 2 9.08 19.26 -0.57
N VAL A 3 9.55 18.12 -0.09
CA VAL A 3 9.23 16.84 -0.69
C VAL A 3 8.00 16.22 -0.01
N SER A 4 7.10 15.67 -0.83
CA SER A 4 5.90 15.04 -0.30
C SER A 4 5.94 13.52 -0.49
N GLU A 5 7.04 12.91 -0.02
CA GLU A 5 7.21 11.46 -0.13
C GLU A 5 6.20 10.73 0.75
N PHE A 6 5.89 11.31 1.90
CA PHE A 6 4.95 10.72 2.84
C PHE A 6 3.51 11.07 2.46
N LEU A 7 3.33 12.25 1.88
CA LEU A 7 2.01 12.71 1.48
C LEU A 7 1.60 12.09 0.15
N LYS A 8 2.59 11.72 -0.65
CA LYS A 8 2.34 11.11 -1.96
C LYS A 8 1.81 9.69 -1.79
N GLN A 9 1.74 9.22 -0.55
CA GLN A 9 1.26 7.88 -0.26
C GLN A 9 0.26 7.89 0.90
N ALA A 10 0.46 8.82 1.83
CA ALA A 10 -0.42 8.94 2.98
C ALA A 10 -1.88 8.85 2.57
N TRP A 11 -2.19 9.41 1.41
CA TRP A 11 -3.57 9.39 0.90
C TRP A 11 -3.77 8.25 -0.09
N PHE A 12 -2.68 7.83 -0.74
CA PHE A 12 -2.74 6.75 -1.71
C PHE A 12 -1.98 5.52 -1.20
N ILE A 13 -2.73 4.48 -0.87
CA ILE A 13 -2.13 3.24 -0.37
C ILE A 13 -2.72 2.03 -1.08
N GLU A 14 -1.92 1.40 -1.93
CA GLU A 14 -2.35 0.22 -2.67
C GLU A 14 -2.18 -1.05 -1.83
N ASN A 15 -3.17 -1.93 -1.89
CA ASN A 15 -3.12 -3.18 -1.14
C ASN A 15 -3.25 -4.38 -2.07
N GLU A 16 -2.29 -4.52 -2.98
CA GLU A 16 -2.29 -5.63 -3.93
C GLU A 16 -1.44 -6.78 -3.42
N GLU A 17 -0.30 -6.45 -2.82
CA GLU A 17 0.61 -7.46 -2.30
C GLU A 17 0.37 -7.68 -0.80
N GLN A 18 -0.90 -7.60 -0.40
CA GLN A 18 -1.27 -7.79 1.00
C GLN A 18 -1.35 -9.27 1.34
N GLU A 19 -0.57 -9.69 2.33
CA GLU A 19 -0.56 -11.09 2.75
C GLU A 19 -1.93 -11.51 3.27
N TYR A 20 -2.20 -12.81 3.20
CA TYR A 20 -3.48 -13.35 3.66
C TYR A 20 -3.46 -14.88 3.65
N VAL A 21 -4.58 -15.48 4.02
CA VAL A 21 -4.71 -16.92 4.06
C VAL A 21 -5.28 -17.45 2.74
N GLN A 22 -4.54 -18.36 2.10
CA GLN A 22 -4.98 -18.94 0.84
C GLN A 22 -5.71 -20.26 1.08
N THR A 23 -6.89 -20.39 0.47
CA THR A 23 -7.70 -21.59 0.62
C THR A 23 -7.58 -22.48 -0.62
N VAL A 24 -6.74 -23.51 -0.51
CA VAL A 24 -6.54 -24.44 -1.62
C VAL A 24 -7.17 -25.80 -1.32
N LYS A 25 -7.93 -26.32 -2.29
CA LYS A 25 -8.59 -27.61 -2.14
C LYS A 25 -8.09 -28.60 -3.17
N ALA A 1 15.18 19.69 1.88
CA ALA A 1 13.89 19.67 1.22
C ALA A 1 12.91 18.77 1.97
N MET A 2 11.63 18.90 1.64
CA MET A 2 10.59 18.09 2.28
C MET A 2 10.00 17.09 1.30
N VAL A 3 10.23 15.81 1.54
CA VAL A 3 9.72 14.75 0.67
C VAL A 3 8.35 14.28 1.15
N SER A 4 7.52 13.86 0.20
CA SER A 4 6.19 13.37 0.52
C SER A 4 6.01 11.92 0.10
N GLU A 5 6.98 11.09 0.46
CA GLU A 5 6.95 9.67 0.11
C GLU A 5 5.80 8.97 0.83
N PHE A 6 5.53 9.39 2.06
CA PHE A 6 4.45 8.81 2.85
C PHE A 6 3.13 9.51 2.57
N LEU A 7 3.20 10.78 2.22
CA LEU A 7 2.01 11.56 1.92
C LEU A 7 1.48 11.26 0.51
N LYS A 8 2.38 10.82 -0.36
CA LYS A 8 2.02 10.48 -1.72
C LYS A 8 1.20 9.19 -1.77
N GLN A 9 1.02 8.57 -0.62
CA GLN A 9 0.26 7.33 -0.53
C GLN A 9 -0.73 7.38 0.64
N ALA A 10 -0.34 8.09 1.70
CA ALA A 10 -1.19 8.22 2.88
C ALA A 10 -2.64 8.51 2.49
N TRP A 11 -2.82 9.29 1.44
CA TRP A 11 -4.15 9.64 0.96
C TRP A 11 -4.57 8.74 -0.19
N PHE A 12 -3.59 8.20 -0.92
CA PHE A 12 -3.87 7.32 -2.04
C PHE A 12 -3.42 5.90 -1.74
N ILE A 13 -4.37 4.99 -1.56
CA ILE A 13 -4.06 3.60 -1.27
C ILE A 13 -4.88 2.66 -2.14
N GLU A 14 -4.22 1.95 -3.05
CA GLU A 14 -4.89 1.03 -3.94
C GLU A 14 -4.85 -0.39 -3.38
N ASN A 15 -6.00 -1.05 -3.35
CA ASN A 15 -6.09 -2.41 -2.84
C ASN A 15 -6.05 -3.43 -3.98
N GLU A 16 -5.14 -3.21 -4.93
CA GLU A 16 -5.00 -4.10 -6.07
C GLU A 16 -3.93 -5.15 -5.80
N GLU A 17 -2.84 -4.73 -5.18
CA GLU A 17 -1.74 -5.64 -4.87
C GLU A 17 -1.57 -5.79 -3.36
N GLN A 18 -2.69 -5.77 -2.64
CA GLN A 18 -2.67 -5.90 -1.20
C GLN A 18 -2.09 -7.25 -0.78
N GLU A 19 -1.46 -7.29 0.39
CA GLU A 19 -0.86 -8.53 0.90
C GLU A 19 -1.94 -9.49 1.37
N TYR A 20 -2.03 -10.64 0.70
CA TYR A 20 -3.02 -11.65 1.05
C TYR A 20 -2.52 -13.05 0.69
N VAL A 21 -2.70 -13.99 1.62
CA VAL A 21 -2.27 -15.37 1.39
C VAL A 21 -3.30 -16.14 0.58
N GLN A 22 -2.82 -17.07 -0.23
CA GLN A 22 -3.70 -17.89 -1.06
C GLN A 22 -4.18 -19.12 -0.31
N THR A 23 -5.48 -19.38 -0.36
CA THR A 23 -6.07 -20.53 0.31
C THR A 23 -5.52 -21.84 -0.24
N VAL A 24 -4.98 -22.67 0.64
CA VAL A 24 -4.42 -23.95 0.23
C VAL A 24 -5.08 -25.11 0.98
N LYS A 25 -5.38 -24.87 2.26
CA LYS A 25 -6.01 -25.88 3.10
C LYS A 25 -7.52 -25.88 2.91
#